data_2OXQ
#
_entry.id   2OXQ
#
_cell.length_a   79.042
_cell.length_b   93.399
_cell.length_c   144.009
_cell.angle_alpha   90.00
_cell.angle_beta   90.00
_cell.angle_gamma   90.00
#
_symmetry.space_group_name_H-M   'P 21 21 21'
#
loop_
_entity.id
_entity.type
_entity.pdbx_description
1 polymer 'Ubiquitin-conjugating enzyme E2D 1'
2 polymer 'STIP1 homology and U-Box containing protein 1'
3 non-polymer 'CHLORIDE ION'
4 water water
#
loop_
_entity_poly.entity_id
_entity_poly.type
_entity_poly.pdbx_seq_one_letter_code
_entity_poly.pdbx_strand_id
1 'polypeptide(L)'
;GAMGSMALKRIQKELQDLQRDPPAQCSAGPVGDDLFHWQATIMGPSDSPYQGGVFFLTIHFPTDYPFKPPKVAFTTKIYH
PNINSNGSICLDILRSQWSPALTVSKVLLSICSLLCDPNPDDPLVPDIAHIYKSDKEKYNRLAREWTQKYAM
;
A,B
2 'polypeptide(L)' GAMGSKKREIPDYLCGKISFELMAEPCITPSGITYDRKDIEEHLQRVGHFDPVTRSPLTQDQLIPNLAMKEVIDAFIQEN C,D
#
loop_
_chem_comp.id
_chem_comp.type
_chem_comp.name
_chem_comp.formula
CL non-polymer 'CHLORIDE ION' 'Cl -1'
#
# COMPACT_ATOMS: atom_id res chain seq x y z
N GLY A 4 -23.55 -4.50 8.78
CA GLY A 4 -24.19 -5.43 9.75
C GLY A 4 -24.37 -6.82 9.17
N SER A 5 -24.92 -6.88 7.96
CA SER A 5 -25.14 -8.14 7.27
C SER A 5 -23.86 -8.52 6.52
N MET A 6 -22.79 -7.80 6.82
CA MET A 6 -21.48 -8.06 6.23
C MET A 6 -21.11 -9.44 6.77
N ALA A 7 -21.59 -9.72 7.98
CA ALA A 7 -21.35 -10.99 8.66
C ALA A 7 -21.74 -12.10 7.68
N LEU A 8 -23.00 -12.09 7.26
CA LEU A 8 -23.49 -13.10 6.32
C LEU A 8 -22.65 -13.18 5.06
N LYS A 9 -22.24 -12.04 4.53
CA LYS A 9 -21.43 -12.06 3.32
C LYS A 9 -20.11 -12.78 3.57
N ARG A 10 -19.47 -12.43 4.68
CA ARG A 10 -18.19 -13.02 5.10
C ARG A 10 -18.29 -14.52 5.35
N ILE A 11 -19.30 -14.90 6.13
CA ILE A 11 -19.53 -16.30 6.44
C ILE A 11 -19.65 -17.08 5.12
N GLN A 12 -20.32 -16.48 4.15
CA GLN A 12 -20.51 -17.14 2.87
C GLN A 12 -19.20 -17.36 2.12
N LYS A 13 -18.32 -16.38 2.11
CA LYS A 13 -17.06 -16.56 1.40
C LYS A 13 -16.28 -17.68 2.06
N GLU A 14 -16.29 -17.69 3.39
CA GLU A 14 -15.59 -18.71 4.15
C GLU A 14 -16.09 -20.09 3.76
N LEU A 15 -17.41 -20.22 3.66
CA LEU A 15 -18.00 -21.49 3.29
C LEU A 15 -17.58 -21.87 1.88
N GLN A 16 -17.66 -20.90 0.97
CA GLN A 16 -17.30 -21.14 -0.41
C GLN A 16 -15.84 -21.57 -0.45
N ASP A 17 -15.04 -20.96 0.40
CA ASP A 17 -13.62 -21.27 0.47
C ASP A 17 -13.39 -22.62 1.11
N LEU A 18 -13.95 -22.79 2.31
CA LEU A 18 -13.82 -24.02 3.07
C LEU A 18 -14.11 -25.27 2.24
N GLN A 19 -15.31 -25.33 1.65
CA GLN A 19 -15.70 -26.48 0.86
C GLN A 19 -14.89 -26.64 -0.42
N ARG A 20 -14.13 -25.62 -0.78
CA ARG A 20 -13.29 -25.69 -1.96
C ARG A 20 -12.03 -26.45 -1.58
N ASP A 21 -11.44 -26.10 -0.43
CA ASP A 21 -10.23 -26.77 0.08
C ASP A 21 -10.34 -27.05 1.57
N PRO A 22 -11.07 -28.12 1.93
CA PRO A 22 -11.32 -28.58 3.29
C PRO A 22 -10.07 -28.80 4.10
N PRO A 23 -10.11 -28.47 5.40
CA PRO A 23 -8.93 -28.67 6.24
C PRO A 23 -8.73 -30.19 6.34
N ALA A 24 -7.48 -30.62 6.42
CA ALA A 24 -7.18 -32.05 6.52
C ALA A 24 -7.99 -32.73 7.62
N GLN A 25 -8.65 -33.84 7.28
CA GLN A 25 -9.43 -34.61 8.23
C GLN A 25 -10.80 -34.03 8.57
N CYS A 26 -11.06 -32.80 8.15
CA CYS A 26 -12.31 -32.11 8.45
C CYS A 26 -13.24 -31.89 7.30
N SER A 27 -14.46 -31.51 7.65
CA SER A 27 -15.52 -31.22 6.71
C SER A 27 -16.55 -30.37 7.42
N ALA A 28 -17.09 -29.39 6.71
CA ALA A 28 -18.09 -28.52 7.28
C ALA A 28 -19.09 -28.16 6.18
N GLY A 29 -20.23 -27.63 6.60
CA GLY A 29 -21.27 -27.25 5.66
C GLY A 29 -22.45 -26.73 6.44
N PRO A 30 -23.36 -25.98 5.82
CA PRO A 30 -24.52 -25.44 6.51
C PRO A 30 -25.44 -26.51 7.03
N VAL A 31 -26.16 -26.18 8.09
CA VAL A 31 -27.12 -27.09 8.71
C VAL A 31 -28.50 -26.57 8.38
N GLY A 32 -28.92 -26.78 7.14
CA GLY A 32 -30.22 -26.33 6.71
C GLY A 32 -30.20 -24.99 6.00
N ASP A 33 -30.52 -23.94 6.75
CA ASP A 33 -30.57 -22.60 6.17
C ASP A 33 -29.45 -21.67 6.68
N ASP A 34 -29.84 -20.53 7.23
CA ASP A 34 -28.92 -19.51 7.75
C ASP A 34 -27.52 -20.05 7.93
N LEU A 35 -26.59 -19.55 7.12
CA LEU A 35 -25.21 -20.01 7.20
C LEU A 35 -24.65 -19.67 8.57
N PHE A 36 -25.50 -19.07 9.42
CA PHE A 36 -25.08 -18.72 10.77
C PHE A 36 -24.98 -19.98 11.62
N HIS A 37 -25.34 -21.10 11.01
CA HIS A 37 -25.29 -22.41 11.66
C HIS A 37 -24.66 -23.42 10.73
N TRP A 38 -23.58 -24.05 11.17
CA TRP A 38 -22.89 -25.05 10.38
C TRP A 38 -22.76 -26.35 11.15
N GLN A 39 -22.43 -27.40 10.41
CA GLN A 39 -22.22 -28.72 10.94
C GLN A 39 -20.81 -29.01 10.46
N ALA A 40 -20.03 -29.72 11.26
CA ALA A 40 -18.67 -30.04 10.87
C ALA A 40 -18.31 -31.39 11.48
N THR A 41 -17.52 -32.17 10.74
CA THR A 41 -17.09 -33.44 11.27
C THR A 41 -15.56 -33.49 11.21
N ILE A 42 -14.97 -34.18 12.17
CA ILE A 42 -13.53 -34.32 12.27
C ILE A 42 -13.22 -35.79 12.44
N MET A 43 -12.27 -36.29 11.64
CA MET A 43 -11.86 -37.68 11.75
C MET A 43 -10.69 -37.76 12.72
N GLY A 44 -10.71 -38.77 13.58
CA GLY A 44 -9.65 -38.97 14.55
C GLY A 44 -8.27 -38.84 13.92
N PRO A 45 -7.62 -37.71 14.18
CA PRO A 45 -6.18 -37.70 14.47
C PRO A 45 -5.67 -39.08 14.83
N SER A 46 -5.68 -40.00 13.86
CA SER A 46 -4.45 -40.62 13.36
C SER A 46 -3.23 -39.81 13.78
N ASP A 47 -2.48 -40.34 14.75
CA ASP A 47 -1.53 -39.55 15.51
C ASP A 47 -2.03 -39.28 16.92
N SER A 48 -3.36 -39.32 17.09
CA SER A 48 -3.95 -39.30 18.42
C SER A 48 -4.61 -40.65 18.75
N PRO A 49 -5.07 -40.78 19.99
CA PRO A 49 -5.77 -41.99 20.41
C PRO A 49 -7.24 -41.89 20.01
N TYR A 50 -7.55 -40.86 19.21
CA TYR A 50 -8.90 -40.62 18.73
C TYR A 50 -9.12 -41.20 17.34
N GLN A 51 -8.04 -41.73 16.79
CA GLN A 51 -8.02 -42.32 15.46
C GLN A 51 -9.13 -43.34 15.21
N GLY A 52 -9.68 -43.29 14.00
CA GLY A 52 -10.76 -44.21 13.65
C GLY A 52 -12.09 -43.72 14.17
N GLY A 53 -12.07 -42.54 14.78
CA GLY A 53 -13.28 -41.96 15.33
C GLY A 53 -13.76 -40.82 14.45
N VAL A 54 -15.05 -40.59 14.48
CA VAL A 54 -15.64 -39.51 13.69
C VAL A 54 -16.34 -38.67 14.72
N PHE A 55 -16.04 -37.37 14.73
CA PHE A 55 -16.64 -36.45 15.69
C PHE A 55 -17.43 -35.36 15.01
N PHE A 56 -18.59 -35.03 15.58
CA PHE A 56 -19.44 -33.99 15.01
C PHE A 56 -19.46 -32.77 15.90
N LEU A 57 -19.39 -31.61 15.27
CA LEU A 57 -19.39 -30.35 16.02
C LEU A 57 -20.38 -29.39 15.39
N THR A 58 -20.85 -28.45 16.19
CA THR A 58 -21.76 -27.44 15.67
C THR A 58 -21.08 -26.08 15.75
N ILE A 59 -21.14 -25.34 14.65
CA ILE A 59 -20.53 -24.03 14.59
C ILE A 59 -21.68 -23.03 14.51
N HIS A 60 -21.73 -22.11 15.47
CA HIS A 60 -22.76 -21.09 15.48
C HIS A 60 -22.08 -19.74 15.36
N PHE A 61 -22.32 -19.05 14.26
CA PHE A 61 -21.71 -17.72 14.04
C PHE A 61 -22.55 -16.66 14.75
N PRO A 62 -21.91 -15.81 15.58
CA PRO A 62 -22.65 -14.76 16.29
C PRO A 62 -23.07 -13.70 15.26
N THR A 63 -23.73 -12.64 15.71
CA THR A 63 -24.14 -11.61 14.76
C THR A 63 -23.02 -10.60 14.50
N ASP A 64 -22.02 -10.59 15.38
CA ASP A 64 -20.88 -9.70 15.22
C ASP A 64 -19.81 -10.39 14.40
N TYR A 65 -20.02 -11.64 14.03
CA TYR A 65 -19.00 -12.32 13.27
C TYR A 65 -18.64 -11.41 12.11
N PRO A 66 -17.33 -11.30 11.80
CA PRO A 66 -16.17 -11.94 12.43
C PRO A 66 -15.54 -11.19 13.61
N PHE A 67 -16.24 -10.18 14.13
CA PHE A 67 -15.69 -9.41 15.23
C PHE A 67 -15.81 -10.14 16.56
N LYS A 68 -16.58 -11.22 16.56
CA LYS A 68 -16.74 -12.06 17.74
C LYS A 68 -16.48 -13.48 17.25
N PRO A 69 -15.70 -14.27 18.02
CA PRO A 69 -15.40 -15.64 17.62
C PRO A 69 -16.63 -16.51 17.46
N PRO A 70 -16.53 -17.55 16.61
CA PRO A 70 -17.66 -18.46 16.40
C PRO A 70 -17.84 -19.31 17.65
N LYS A 71 -19.05 -19.83 17.83
CA LYS A 71 -19.36 -20.67 18.98
C LYS A 71 -19.24 -22.11 18.46
N VAL A 72 -18.16 -22.79 18.84
CA VAL A 72 -17.93 -24.16 18.36
C VAL A 72 -17.97 -25.20 19.46
N ALA A 73 -18.71 -26.28 19.25
CA ALA A 73 -18.79 -27.33 20.26
C ALA A 73 -18.98 -28.73 19.70
N PHE A 74 -18.43 -29.69 20.42
CA PHE A 74 -18.54 -31.10 20.04
C PHE A 74 -19.93 -31.56 20.45
N THR A 75 -20.51 -32.46 19.66
CA THR A 75 -21.81 -33.03 20.01
C THR A 75 -21.47 -34.48 20.33
N THR A 76 -20.38 -34.95 19.75
CA THR A 76 -19.92 -36.31 19.97
C THR A 76 -19.20 -36.32 21.31
N LYS A 77 -19.48 -37.31 22.14
CA LYS A 77 -18.81 -37.38 23.42
C LYS A 77 -17.32 -37.67 23.17
N ILE A 78 -16.44 -37.09 24.00
CA ILE A 78 -15.00 -37.29 23.83
C ILE A 78 -14.23 -37.13 25.13
N TYR A 79 -13.33 -38.08 25.38
CA TYR A 79 -12.49 -38.08 26.57
C TYR A 79 -11.27 -37.23 26.29
N HIS A 80 -11.30 -35.98 26.71
CA HIS A 80 -10.20 -35.06 26.47
C HIS A 80 -10.18 -34.06 27.61
N PRO A 81 -9.00 -33.66 28.07
CA PRO A 81 -8.95 -32.70 29.17
C PRO A 81 -9.44 -31.28 28.84
N ASN A 82 -9.45 -30.92 27.56
CA ASN A 82 -9.88 -29.58 27.18
C ASN A 82 -11.32 -29.48 26.67
N ILE A 83 -12.05 -30.59 26.75
CA ILE A 83 -13.44 -30.65 26.29
C ILE A 83 -14.30 -31.30 27.36
N ASN A 84 -15.25 -30.54 27.91
CA ASN A 84 -16.13 -31.05 28.95
C ASN A 84 -17.25 -31.87 28.32
N SER A 85 -18.08 -32.47 29.16
CA SER A 85 -19.18 -33.32 28.68
C SER A 85 -20.25 -32.58 27.88
N ASN A 86 -20.10 -31.27 27.77
CA ASN A 86 -21.05 -30.47 27.01
C ASN A 86 -20.49 -30.17 25.63
N GLY A 87 -19.36 -30.78 25.32
CA GLY A 87 -18.76 -30.53 24.03
C GLY A 87 -18.14 -29.15 23.96
N SER A 88 -17.89 -28.55 25.12
CA SER A 88 -17.27 -27.21 25.18
C SER A 88 -15.77 -27.35 24.96
N ILE A 89 -15.22 -26.50 24.10
CA ILE A 89 -13.80 -26.57 23.81
C ILE A 89 -13.01 -25.42 24.40
N CYS A 90 -11.99 -25.74 25.18
CA CYS A 90 -11.11 -24.73 25.74
C CYS A 90 -10.00 -24.34 24.76
N LEU A 91 -10.36 -23.54 23.76
CA LEU A 91 -9.41 -23.08 22.77
C LEU A 91 -9.28 -21.56 22.79
N ASP A 92 -8.13 -21.09 23.27
CA ASP A 92 -7.46 -19.95 22.65
C ASP A 92 -7.59 -19.98 21.14
N ILE A 93 -7.94 -18.85 20.55
CA ILE A 93 -8.42 -18.82 19.17
C ILE A 93 -9.94 -18.90 19.12
N LEU A 94 -10.54 -19.42 20.18
CA LEU A 94 -11.98 -19.33 20.37
C LEU A 94 -12.34 -18.36 21.48
N ARG A 95 -11.35 -18.03 22.32
CA ARG A 95 -11.58 -17.16 23.45
C ARG A 95 -10.72 -15.88 23.32
N SER A 96 -9.81 -15.68 24.26
CA SER A 96 -8.95 -14.51 24.29
C SER A 96 -8.04 -14.26 23.08
N GLN A 97 -7.73 -15.29 22.30
CA GLN A 97 -6.85 -15.10 21.13
C GLN A 97 -7.55 -15.06 19.78
N TRP A 98 -8.83 -14.69 19.78
CA TRP A 98 -9.56 -14.62 18.52
C TRP A 98 -9.20 -13.34 17.76
N SER A 99 -9.36 -13.40 16.44
CA SER A 99 -9.13 -12.28 15.55
C SER A 99 -10.01 -12.44 14.31
N PRO A 100 -10.47 -11.31 13.75
CA PRO A 100 -11.33 -11.37 12.57
C PRO A 100 -10.56 -11.87 11.37
N ALA A 101 -9.23 -11.94 11.51
CA ALA A 101 -8.38 -12.40 10.43
C ALA A 101 -8.37 -13.92 10.40
N LEU A 102 -8.77 -14.53 11.52
CA LEU A 102 -8.80 -15.99 11.61
C LEU A 102 -10.05 -16.50 10.95
N THR A 103 -10.08 -17.80 10.66
CA THR A 103 -11.23 -18.41 10.02
C THR A 103 -11.71 -19.71 10.66
N VAL A 104 -12.90 -20.15 10.28
CA VAL A 104 -13.45 -21.38 10.84
C VAL A 104 -12.49 -22.51 10.48
N SER A 105 -12.02 -22.49 9.23
CA SER A 105 -11.07 -23.48 8.74
C SER A 105 -9.91 -23.58 9.72
N LYS A 106 -9.33 -22.42 10.04
CA LYS A 106 -8.23 -22.36 10.98
C LYS A 106 -8.66 -22.94 12.31
N VAL A 107 -9.85 -22.56 12.77
CA VAL A 107 -10.33 -23.08 14.04
C VAL A 107 -10.37 -24.60 13.98
N LEU A 108 -10.85 -25.16 12.87
CA LEU A 108 -10.91 -26.62 12.74
C LEU A 108 -9.54 -27.27 12.82
N LEU A 109 -8.52 -26.65 12.22
CA LEU A 109 -7.18 -27.21 12.28
C LEU A 109 -6.69 -27.13 13.72
N SER A 110 -6.99 -26.01 14.35
CA SER A 110 -6.59 -25.78 15.72
C SER A 110 -7.16 -26.87 16.63
N ILE A 111 -8.41 -27.22 16.38
CA ILE A 111 -9.07 -28.27 17.16
C ILE A 111 -8.42 -29.62 16.91
N CYS A 112 -8.01 -29.90 15.67
CA CYS A 112 -7.37 -31.17 15.36
C CYS A 112 -6.07 -31.21 16.13
N SER A 113 -5.37 -30.08 16.10
CA SER A 113 -4.11 -29.98 16.80
C SER A 113 -4.31 -30.32 18.26
N LEU A 114 -5.36 -29.72 18.84
CA LEU A 114 -5.67 -29.95 20.23
C LEU A 114 -5.96 -31.44 20.54
N LEU A 115 -6.57 -32.16 19.60
CA LEU A 115 -6.84 -33.56 19.83
C LEU A 115 -5.49 -34.25 19.92
N CYS A 116 -4.64 -33.99 18.93
CA CYS A 116 -3.30 -34.57 18.92
C CYS A 116 -2.50 -34.29 20.17
N ASP A 117 -2.55 -33.04 20.64
CA ASP A 117 -1.80 -32.65 21.83
C ASP A 117 -2.64 -31.82 22.79
N PRO A 118 -3.26 -32.47 23.77
CA PRO A 118 -4.08 -31.77 24.76
C PRO A 118 -3.27 -30.73 25.52
N ASN A 119 -3.96 -29.82 26.19
CA ASN A 119 -3.33 -28.79 26.99
C ASN A 119 -3.90 -28.91 28.41
N PRO A 120 -3.34 -29.82 29.23
CA PRO A 120 -3.73 -30.13 30.61
C PRO A 120 -3.60 -29.02 31.65
N ASP A 121 -3.03 -27.88 31.27
CA ASP A 121 -2.88 -26.81 32.25
C ASP A 121 -4.02 -25.84 32.18
N ASP A 122 -4.74 -25.89 31.07
CA ASP A 122 -5.91 -25.04 30.87
C ASP A 122 -7.02 -26.01 30.51
N PRO A 123 -7.41 -26.88 31.47
CA PRO A 123 -8.47 -27.89 31.29
C PRO A 123 -9.91 -27.43 31.51
N LEU A 124 -10.84 -28.35 31.27
CA LEU A 124 -12.25 -28.12 31.48
C LEU A 124 -12.70 -29.33 32.27
N VAL A 125 -11.76 -30.26 32.42
CA VAL A 125 -11.99 -31.50 33.12
C VAL A 125 -10.71 -31.79 33.91
N PRO A 126 -10.60 -31.20 35.10
CA PRO A 126 -9.43 -31.37 35.96
C PRO A 126 -8.99 -32.82 36.04
N ASP A 127 -9.96 -33.69 36.30
CA ASP A 127 -9.71 -35.11 36.42
C ASP A 127 -8.96 -35.76 35.24
N ILE A 128 -9.34 -35.42 34.02
CA ILE A 128 -8.65 -36.00 32.87
C ILE A 128 -7.28 -35.34 32.77
N ALA A 129 -7.22 -34.04 33.01
CA ALA A 129 -5.96 -33.32 32.96
C ALA A 129 -4.95 -34.02 33.85
N HIS A 130 -5.42 -34.47 35.02
CA HIS A 130 -4.55 -35.17 35.95
C HIS A 130 -4.06 -36.49 35.36
N ILE A 131 -5.00 -37.39 35.05
CA ILE A 131 -4.65 -38.69 34.47
C ILE A 131 -3.65 -38.47 33.32
N TYR A 132 -3.94 -37.48 32.50
CA TYR A 132 -3.09 -37.16 31.36
C TYR A 132 -1.65 -36.90 31.77
N LYS A 133 -1.47 -35.99 32.73
CA LYS A 133 -0.15 -35.61 33.21
C LYS A 133 0.50 -36.71 34.05
N SER A 134 -0.27 -37.42 34.85
CA SER A 134 0.32 -38.48 35.67
C SER A 134 0.44 -39.77 34.89
N ASP A 135 -0.65 -40.52 34.78
CA ASP A 135 -0.63 -41.79 34.05
C ASP A 135 -0.96 -41.64 32.55
N LYS A 136 0.04 -41.30 31.74
CA LYS A 136 -0.17 -41.13 30.30
C LYS A 136 -0.89 -42.31 29.67
N GLU A 137 -0.44 -43.52 29.96
CA GLU A 137 -1.06 -44.71 29.39
C GLU A 137 -2.53 -44.83 29.71
N LYS A 138 -2.89 -44.71 30.98
CA LYS A 138 -4.28 -44.82 31.39
C LYS A 138 -5.11 -43.84 30.56
N TYR A 139 -4.51 -42.69 30.29
CA TYR A 139 -5.16 -41.66 29.49
C TYR A 139 -5.43 -42.15 28.08
N ASN A 140 -4.41 -42.67 27.39
CA ASN A 140 -4.59 -43.15 26.03
C ASN A 140 -5.60 -44.28 25.96
N ARG A 141 -5.58 -45.14 26.97
CA ARG A 141 -6.48 -46.27 27.01
C ARG A 141 -7.94 -45.82 27.03
N LEU A 142 -8.28 -44.95 27.97
CA LEU A 142 -9.65 -44.43 28.09
C LEU A 142 -10.06 -43.66 26.83
N ALA A 143 -9.14 -42.83 26.32
CA ALA A 143 -9.43 -42.06 25.12
C ALA A 143 -9.78 -43.07 24.02
N ARG A 144 -8.94 -44.09 23.85
CA ARG A 144 -9.19 -45.11 22.84
C ARG A 144 -10.57 -45.76 23.08
N GLU A 145 -10.79 -46.19 24.32
CA GLU A 145 -12.05 -46.81 24.73
C GLU A 145 -13.26 -45.95 24.41
N TRP A 146 -13.18 -44.67 24.78
CA TRP A 146 -14.25 -43.72 24.55
C TRP A 146 -14.46 -43.43 23.07
N THR A 147 -13.38 -43.51 22.30
CA THR A 147 -13.50 -43.25 20.87
C THR A 147 -14.32 -44.40 20.31
N GLN A 148 -13.94 -45.60 20.71
CA GLN A 148 -14.62 -46.81 20.27
C GLN A 148 -16.09 -46.78 20.66
N LYS A 149 -16.35 -46.52 21.94
CA LYS A 149 -17.72 -46.48 22.43
C LYS A 149 -18.60 -45.36 21.87
N TYR A 150 -18.05 -44.16 21.76
CA TYR A 150 -18.84 -43.01 21.31
C TYR A 150 -18.54 -42.41 19.96
N ALA A 151 -17.40 -42.71 19.34
CA ALA A 151 -17.13 -42.08 18.05
C ALA A 151 -16.82 -43.07 16.95
N MET A 152 -17.27 -44.31 17.12
CA MET A 152 -17.05 -45.32 16.11
C MET A 152 -18.33 -46.04 15.78
N GLY B 4 24.03 4.45 -7.56
CA GLY B 4 24.73 4.08 -8.80
C GLY B 4 24.38 5.10 -9.86
N SER B 5 24.43 4.69 -11.13
CA SER B 5 24.09 5.57 -12.26
C SER B 5 22.59 5.51 -12.49
N MET B 6 21.87 5.54 -11.37
CA MET B 6 20.43 5.53 -11.36
C MET B 6 19.96 6.79 -12.08
N ALA B 7 20.79 7.83 -11.99
CA ALA B 7 20.50 9.10 -12.63
C ALA B 7 20.23 8.90 -14.10
N LEU B 8 21.12 8.17 -14.77
CA LEU B 8 20.96 7.91 -16.18
C LEU B 8 19.65 7.18 -16.44
N LYS B 9 19.35 6.16 -15.63
CA LYS B 9 18.11 5.42 -15.82
C LYS B 9 16.89 6.34 -15.63
N ARG B 10 16.95 7.20 -14.63
CA ARG B 10 15.88 8.14 -14.32
C ARG B 10 15.73 9.13 -15.46
N ILE B 11 16.84 9.70 -15.89
CA ILE B 11 16.79 10.65 -16.99
C ILE B 11 16.24 10.02 -18.27
N GLN B 12 16.63 8.78 -18.56
CA GLN B 12 16.12 8.12 -19.76
C GLN B 12 14.61 7.99 -19.70
N LYS B 13 14.10 7.62 -18.52
CA LYS B 13 12.66 7.48 -18.35
C LYS B 13 11.97 8.82 -18.48
N GLU B 14 12.47 9.84 -17.78
CA GLU B 14 11.86 11.17 -17.87
C GLU B 14 11.72 11.61 -19.32
N LEU B 15 12.82 11.46 -20.07
CA LEU B 15 12.87 11.83 -21.47
C LEU B 15 11.77 11.14 -22.24
N GLN B 16 11.56 9.86 -21.94
CA GLN B 16 10.53 9.04 -22.55
C GLN B 16 9.17 9.68 -22.40
N ASP B 17 8.84 10.01 -21.15
CA ASP B 17 7.56 10.62 -20.83
C ASP B 17 7.44 11.98 -21.47
N LEU B 18 8.41 12.85 -21.18
CA LEU B 18 8.44 14.20 -21.72
C LEU B 18 8.21 14.21 -23.22
N GLN B 19 8.86 13.31 -23.94
CA GLN B 19 8.72 13.29 -25.38
C GLN B 19 7.43 12.69 -25.92
N ARG B 20 6.76 11.86 -25.13
CA ARG B 20 5.50 11.27 -25.61
C ARG B 20 4.34 12.20 -25.31
N ASP B 21 4.55 13.09 -24.33
CA ASP B 21 3.57 14.09 -23.91
C ASP B 21 4.35 15.28 -23.40
N PRO B 22 4.81 16.12 -24.32
CA PRO B 22 5.59 17.31 -24.01
C PRO B 22 4.73 18.44 -23.48
N PRO B 23 5.28 19.25 -22.58
CA PRO B 23 4.54 20.36 -22.02
C PRO B 23 4.05 21.20 -23.20
N ALA B 24 2.86 21.75 -23.09
CA ALA B 24 2.32 22.56 -24.18
C ALA B 24 3.28 23.68 -24.48
N GLN B 25 3.42 23.99 -25.77
CA GLN B 25 4.30 25.06 -26.22
C GLN B 25 5.78 24.70 -26.17
N CYS B 26 6.12 23.63 -25.46
CA CYS B 26 7.52 23.22 -25.32
C CYS B 26 7.96 21.99 -26.09
N SER B 27 9.27 21.80 -26.10
CA SER B 27 9.90 20.66 -26.75
C SER B 27 11.27 20.51 -26.10
N ALA B 28 11.80 19.29 -26.06
CA ALA B 28 13.11 19.04 -25.45
C ALA B 28 13.71 17.70 -25.87
N GLY B 29 15.03 17.58 -25.75
CA GLY B 29 15.69 16.35 -26.13
C GLY B 29 17.18 16.42 -25.80
N PRO B 30 17.85 15.27 -25.68
CA PRO B 30 19.29 15.29 -25.37
C PRO B 30 20.05 15.85 -26.56
N VAL B 31 21.20 16.46 -26.28
CA VAL B 31 22.02 17.02 -27.36
C VAL B 31 22.75 15.93 -28.12
N GLY B 32 23.87 15.45 -27.62
CA GLY B 32 24.53 14.39 -28.38
C GLY B 32 23.83 13.11 -27.97
N ASP B 33 24.58 12.19 -27.39
CA ASP B 33 24.00 10.97 -26.87
C ASP B 33 24.24 11.17 -25.40
N ASP B 34 24.38 12.45 -25.07
CA ASP B 34 24.61 12.89 -23.72
C ASP B 34 23.26 13.11 -23.08
N LEU B 35 22.71 12.07 -22.46
CA LEU B 35 21.42 12.25 -21.84
C LEU B 35 21.47 13.21 -20.67
N PHE B 36 22.66 13.71 -20.36
CA PHE B 36 22.79 14.66 -19.26
C PHE B 36 22.83 16.10 -19.74
N HIS B 37 22.90 16.26 -21.06
CA HIS B 37 22.92 17.59 -21.66
C HIS B 37 21.74 17.67 -22.62
N TRP B 38 20.70 18.38 -22.19
CA TRP B 38 19.52 18.56 -23.01
C TRP B 38 19.42 19.99 -23.42
N GLN B 39 18.60 20.20 -24.43
CA GLN B 39 18.31 21.53 -24.95
C GLN B 39 16.80 21.50 -25.08
N ALA B 40 16.14 22.55 -24.63
CA ALA B 40 14.70 22.64 -24.69
C ALA B 40 14.37 23.96 -25.31
N THR B 41 13.25 24.03 -26.01
CA THR B 41 12.85 25.28 -26.64
C THR B 41 11.41 25.60 -26.25
N ILE B 42 11.10 26.89 -26.13
CA ILE B 42 9.76 27.32 -25.77
C ILE B 42 9.18 28.40 -26.67
N MET B 43 7.91 28.23 -27.04
CA MET B 43 7.23 29.20 -27.87
C MET B 43 6.58 30.19 -26.94
N GLY B 44 6.97 31.45 -27.05
CA GLY B 44 6.30 32.53 -26.34
C GLY B 44 4.79 32.36 -26.33
N PRO B 45 4.20 32.40 -25.14
CA PRO B 45 2.77 32.16 -24.97
C PRO B 45 1.93 33.27 -25.60
N SER B 46 0.62 33.10 -25.62
CA SER B 46 -0.21 33.64 -26.68
C SER B 46 -0.79 35.00 -26.29
N ASP B 47 -0.58 35.39 -25.03
CA ASP B 47 -0.97 36.71 -24.57
C ASP B 47 0.26 37.55 -24.24
N SER B 48 1.09 37.05 -23.34
CA SER B 48 2.44 37.60 -23.15
C SER B 48 2.89 38.39 -24.37
N PRO B 49 3.65 39.46 -24.13
CA PRO B 49 4.37 40.13 -25.21
C PRO B 49 5.49 39.27 -25.78
N TYR B 50 5.64 38.07 -25.24
CA TYR B 50 6.65 37.14 -25.73
C TYR B 50 6.07 36.35 -26.90
N GLN B 51 4.75 36.44 -27.03
CA GLN B 51 4.03 35.77 -28.10
C GLN B 51 4.80 35.84 -29.42
N GLY B 52 4.82 34.74 -30.15
CA GLY B 52 5.51 34.74 -31.43
C GLY B 52 7.00 34.51 -31.40
N GLY B 53 7.59 34.44 -30.22
CA GLY B 53 9.03 34.23 -30.10
C GLY B 53 9.43 32.79 -29.82
N VAL B 54 10.68 32.46 -30.11
CA VAL B 54 11.17 31.12 -29.88
C VAL B 54 12.34 31.22 -28.93
N PHE B 55 12.17 30.68 -27.73
CA PHE B 55 13.21 30.72 -26.71
C PHE B 55 13.94 29.39 -26.53
N PHE B 56 15.26 29.49 -26.42
CA PHE B 56 16.10 28.31 -26.26
C PHE B 56 16.79 28.24 -24.91
N LEU B 57 16.74 27.08 -24.29
CA LEU B 57 17.37 26.91 -22.99
C LEU B 57 18.23 25.66 -22.96
N THR B 58 19.22 25.64 -22.06
CA THR B 58 20.09 24.50 -21.89
C THR B 58 19.80 23.88 -20.55
N ILE B 59 19.68 22.57 -20.52
CA ILE B 59 19.41 21.84 -19.30
C ILE B 59 20.58 20.90 -19.03
N HIS B 60 21.24 21.08 -17.90
CA HIS B 60 22.35 20.22 -17.52
C HIS B 60 22.01 19.44 -16.25
N PHE B 61 21.94 18.13 -16.37
CA PHE B 61 21.63 17.24 -15.25
C PHE B 61 22.86 16.87 -14.42
N PRO B 62 22.87 17.24 -13.13
CA PRO B 62 24.02 16.92 -12.26
C PRO B 62 24.16 15.40 -12.12
N THR B 63 25.39 14.94 -11.93
CA THR B 63 25.64 13.51 -11.80
C THR B 63 24.79 12.81 -10.74
N ASP B 64 24.44 13.52 -9.67
CA ASP B 64 23.62 12.93 -8.60
C ASP B 64 22.14 13.29 -8.73
N TYR B 65 21.67 13.39 -9.97
CA TYR B 65 20.27 13.69 -10.25
C TYR B 65 19.50 12.43 -9.82
N PRO B 66 18.23 12.56 -9.41
CA PRO B 66 17.35 13.73 -9.27
C PRO B 66 17.39 14.30 -7.87
N PHE B 67 18.44 13.98 -7.13
CA PHE B 67 18.56 14.47 -5.78
C PHE B 67 19.01 15.93 -5.75
N LYS B 68 19.53 16.40 -6.87
CA LYS B 68 19.95 17.77 -7.03
C LYS B 68 19.13 18.30 -8.18
N PRO B 69 18.82 19.60 -8.20
CA PRO B 69 18.01 20.08 -9.33
C PRO B 69 18.84 20.24 -10.60
N PRO B 70 18.16 20.31 -11.76
CA PRO B 70 18.88 20.47 -13.02
C PRO B 70 19.26 21.93 -13.23
N LYS B 71 20.30 22.18 -14.02
CA LYS B 71 20.74 23.54 -14.31
C LYS B 71 20.02 23.98 -15.59
N VAL B 72 19.04 24.85 -15.42
CA VAL B 72 18.23 25.33 -16.54
C VAL B 72 18.43 26.81 -16.84
N ALA B 73 18.88 27.14 -18.04
CA ALA B 73 19.10 28.55 -18.39
C ALA B 73 18.66 28.97 -19.80
N PHE B 74 18.18 30.20 -19.92
CA PHE B 74 17.76 30.73 -21.22
C PHE B 74 19.02 31.10 -22.01
N THR B 75 19.13 30.63 -23.26
CA THR B 75 20.30 31.02 -24.05
C THR B 75 19.92 32.19 -24.95
N THR B 76 18.62 32.44 -25.11
CA THR B 76 18.22 33.58 -25.93
C THR B 76 17.86 34.70 -24.96
N LYS B 77 18.13 35.93 -25.37
CA LYS B 77 17.86 37.09 -24.54
C LYS B 77 16.38 37.31 -24.32
N ILE B 78 16.00 37.74 -23.12
CA ILE B 78 14.59 37.98 -22.83
C ILE B 78 14.37 39.09 -21.80
N TYR B 79 13.41 39.96 -22.10
CA TYR B 79 13.07 41.06 -21.21
C TYR B 79 12.06 40.51 -20.21
N HIS B 80 12.54 40.10 -19.04
CA HIS B 80 11.67 39.55 -18.01
C HIS B 80 12.33 39.80 -16.65
N PRO B 81 11.52 40.12 -15.61
CA PRO B 81 12.01 40.38 -14.26
C PRO B 81 12.64 39.21 -13.51
N ASN B 82 12.25 37.98 -13.85
CA ASN B 82 12.78 36.80 -13.18
C ASN B 82 13.85 36.05 -13.96
N ILE B 83 14.20 36.57 -15.14
CA ILE B 83 15.21 35.96 -16.00
C ILE B 83 16.25 37.04 -16.30
N ASN B 84 17.48 36.83 -15.85
CA ASN B 84 18.52 37.82 -16.07
C ASN B 84 19.32 37.70 -17.36
N SER B 85 20.22 38.65 -17.55
CA SER B 85 21.08 38.74 -18.72
C SER B 85 21.86 37.49 -19.08
N ASN B 86 22.31 36.69 -18.12
CA ASN B 86 23.01 35.50 -18.57
C ASN B 86 22.17 34.24 -18.43
N GLY B 87 20.91 34.38 -18.85
CA GLY B 87 19.95 33.29 -18.85
C GLY B 87 19.56 32.63 -17.54
N SER B 88 19.87 33.26 -16.41
CA SER B 88 19.52 32.67 -15.12
C SER B 88 18.05 32.91 -14.86
N ILE B 89 17.39 31.85 -14.40
CA ILE B 89 15.97 31.89 -14.12
C ILE B 89 15.76 31.84 -12.62
N CYS B 90 14.91 32.71 -12.12
CA CYS B 90 14.62 32.72 -10.68
C CYS B 90 13.29 32.02 -10.48
N LEU B 91 13.34 30.73 -10.17
CA LEU B 91 12.15 29.94 -9.96
C LEU B 91 12.38 28.97 -8.81
N ASP B 92 12.05 29.40 -7.60
CA ASP B 92 12.22 28.61 -6.37
C ASP B 92 12.36 27.09 -6.57
N ILE B 93 11.48 26.50 -7.37
CA ILE B 93 11.48 25.07 -7.64
C ILE B 93 12.80 24.54 -8.25
N LEU B 94 13.60 25.44 -8.80
CA LEU B 94 14.88 25.08 -9.41
C LEU B 94 15.98 25.30 -8.40
N ARG B 95 15.61 25.91 -7.27
CA ARG B 95 16.56 26.20 -6.21
C ARG B 95 16.29 25.44 -4.91
N SER B 96 15.83 26.16 -3.89
CA SER B 96 15.55 25.58 -2.59
C SER B 96 14.36 24.63 -2.59
N GLN B 97 13.40 24.86 -3.48
CA GLN B 97 12.21 24.02 -3.54
C GLN B 97 12.30 22.82 -4.46
N TRP B 98 13.51 22.36 -4.75
CA TRP B 98 13.65 21.21 -5.62
C TRP B 98 13.28 19.93 -4.90
N SER B 99 12.60 19.04 -5.60
CA SER B 99 12.21 17.75 -5.03
C SER B 99 12.44 16.67 -6.07
N PRO B 100 13.08 15.57 -5.67
CA PRO B 100 13.37 14.42 -6.54
C PRO B 100 12.13 13.93 -7.28
N ALA B 101 10.97 14.29 -6.76
CA ALA B 101 9.72 13.86 -7.37
C ALA B 101 9.35 14.72 -8.58
N LEU B 102 9.87 15.94 -8.61
CA LEU B 102 9.60 16.85 -9.71
C LEU B 102 10.36 16.42 -10.96
N THR B 103 9.93 16.92 -12.12
CA THR B 103 10.57 16.56 -13.38
C THR B 103 10.82 17.79 -14.22
N VAL B 104 11.70 17.65 -15.22
CA VAL B 104 11.97 18.76 -16.13
C VAL B 104 10.66 19.28 -16.74
N SER B 105 9.75 18.35 -17.07
CA SER B 105 8.46 18.70 -17.66
C SER B 105 7.73 19.70 -16.77
N LYS B 106 7.82 19.49 -15.46
CA LYS B 106 7.18 20.40 -14.51
C LYS B 106 7.90 21.74 -14.53
N VAL B 107 9.23 21.69 -14.49
CA VAL B 107 10.04 22.91 -14.51
C VAL B 107 9.69 23.69 -15.76
N LEU B 108 9.65 23.00 -16.88
CA LEU B 108 9.31 23.63 -18.14
C LEU B 108 7.98 24.36 -18.04
N LEU B 109 6.97 23.66 -17.55
CA LEU B 109 5.65 24.27 -17.41
C LEU B 109 5.72 25.52 -16.56
N SER B 110 6.45 25.47 -15.46
CA SER B 110 6.58 26.65 -14.60
C SER B 110 7.13 27.82 -15.41
N ILE B 111 8.28 27.61 -16.04
CA ILE B 111 8.91 28.65 -16.84
C ILE B 111 7.90 29.28 -17.79
N CYS B 112 7.02 28.47 -18.37
CA CYS B 112 6.00 29.01 -19.28
C CYS B 112 5.06 29.94 -18.56
N SER B 113 4.38 29.41 -17.55
CA SER B 113 3.44 30.20 -16.77
C SER B 113 4.16 31.41 -16.20
N LEU B 114 5.44 31.24 -15.88
CA LEU B 114 6.25 32.33 -15.33
C LEU B 114 6.47 33.39 -16.41
N LEU B 115 6.16 33.05 -17.65
CA LEU B 115 6.31 33.99 -18.76
C LEU B 115 5.00 34.71 -18.98
N CYS B 116 3.90 34.07 -18.62
CA CYS B 116 2.60 34.71 -18.78
C CYS B 116 2.29 35.56 -17.55
N ASP B 117 2.92 35.21 -16.43
CA ASP B 117 2.67 35.93 -15.19
C ASP B 117 3.94 36.12 -14.39
N PRO B 118 4.74 37.12 -14.75
CA PRO B 118 5.99 37.38 -14.02
C PRO B 118 5.69 37.65 -12.55
N ASN B 119 6.66 37.36 -11.69
CA ASN B 119 6.51 37.60 -10.26
C ASN B 119 7.55 38.65 -9.82
N PRO B 120 7.18 39.95 -9.92
CA PRO B 120 8.02 41.11 -9.58
C PRO B 120 8.37 41.27 -8.11
N ASP B 121 7.60 40.64 -7.24
CA ASP B 121 7.83 40.73 -5.81
C ASP B 121 9.10 39.98 -5.42
N ASP B 122 9.56 39.11 -6.32
CA ASP B 122 10.78 38.34 -6.13
C ASP B 122 11.59 38.51 -7.41
N PRO B 123 12.15 39.71 -7.62
CA PRO B 123 12.95 40.03 -8.80
C PRO B 123 14.31 39.37 -8.88
N LEU B 124 15.00 39.65 -9.97
CA LEU B 124 16.33 39.13 -10.25
C LEU B 124 16.93 40.27 -11.06
N VAL B 125 16.02 41.01 -11.70
CA VAL B 125 16.36 42.17 -12.51
C VAL B 125 15.42 43.29 -12.06
N PRO B 126 15.78 43.97 -10.96
CA PRO B 126 15.05 45.07 -10.33
C PRO B 126 14.34 46.03 -11.27
N ASP B 127 15.10 46.63 -12.17
CA ASP B 127 14.54 47.57 -13.13
C ASP B 127 13.30 47.06 -13.84
N ILE B 128 13.42 45.87 -14.46
CA ILE B 128 12.30 45.27 -15.16
C ILE B 128 11.19 44.99 -14.15
N ALA B 129 11.57 44.59 -12.94
CA ALA B 129 10.61 44.30 -11.90
C ALA B 129 9.85 45.58 -11.57
N HIS B 130 10.60 46.67 -11.46
CA HIS B 130 10.04 47.98 -11.17
C HIS B 130 9.12 48.41 -12.32
N ILE B 131 9.69 48.50 -13.53
CA ILE B 131 8.92 48.89 -14.70
C ILE B 131 7.66 48.02 -14.79
N TYR B 132 7.75 46.80 -14.28
CA TYR B 132 6.61 45.89 -14.32
C TYR B 132 5.54 46.36 -13.34
N LYS B 133 5.95 46.58 -12.10
CA LYS B 133 5.04 47.03 -11.04
C LYS B 133 4.31 48.31 -11.42
N SER B 134 5.07 49.36 -11.72
CA SER B 134 4.52 50.66 -12.09
C SER B 134 4.03 50.72 -13.54
N ASP B 135 4.84 51.32 -14.40
CA ASP B 135 4.51 51.46 -15.82
C ASP B 135 4.49 50.07 -16.46
N LYS B 136 3.46 49.29 -16.16
CA LYS B 136 3.32 47.94 -16.69
C LYS B 136 3.10 47.97 -18.20
N GLU B 137 2.65 49.11 -18.71
CA GLU B 137 2.41 49.27 -20.13
C GLU B 137 3.76 49.35 -20.86
N LYS B 138 4.72 50.04 -20.25
CA LYS B 138 6.06 50.19 -20.81
C LYS B 138 6.75 48.83 -20.84
N TYR B 139 6.35 47.98 -19.89
CA TYR B 139 6.92 46.65 -19.79
C TYR B 139 6.64 45.85 -21.07
N ASN B 140 5.36 45.75 -21.41
CA ASN B 140 4.96 45.02 -22.60
C ASN B 140 5.57 45.58 -23.86
N ARG B 141 5.77 46.90 -23.87
CA ARG B 141 6.35 47.57 -25.03
C ARG B 141 7.76 47.01 -25.26
N LEU B 142 8.57 47.01 -24.21
CA LEU B 142 9.94 46.52 -24.29
C LEU B 142 10.02 45.00 -24.38
N ALA B 143 9.04 44.31 -23.81
CA ALA B 143 9.04 42.85 -23.86
C ALA B 143 8.84 42.37 -25.29
N ARG B 144 7.80 42.90 -25.95
CA ARG B 144 7.51 42.54 -27.33
C ARG B 144 8.64 43.00 -28.24
N GLU B 145 9.31 44.07 -27.82
CA GLU B 145 10.43 44.63 -28.57
C GLU B 145 11.59 43.65 -28.56
N TRP B 146 11.97 43.21 -27.37
CA TRP B 146 13.05 42.26 -27.21
C TRP B 146 12.75 40.93 -27.92
N THR B 147 11.50 40.50 -27.82
CA THR B 147 11.07 39.27 -28.45
C THR B 147 11.34 39.38 -29.94
N GLN B 148 10.90 40.48 -30.54
CA GLN B 148 11.10 40.68 -31.97
C GLN B 148 12.55 40.83 -32.36
N LYS B 149 13.37 41.38 -31.47
CA LYS B 149 14.77 41.58 -31.75
C LYS B 149 15.66 40.39 -31.42
N TYR B 150 15.25 39.56 -30.47
CA TYR B 150 16.07 38.43 -30.06
C TYR B 150 15.48 37.02 -30.18
N ALA B 151 14.17 36.92 -30.39
CA ALA B 151 13.52 35.62 -30.47
C ALA B 151 12.78 35.36 -31.77
N MET B 152 12.88 36.27 -32.73
CA MET B 152 12.19 36.07 -33.99
C MET B 152 13.11 35.89 -35.20
N GLU C 9 -12.43 -14.69 -10.64
CA GLU C 9 -11.59 -14.74 -9.40
C GLU C 9 -10.67 -13.55 -9.21
N ILE C 10 -10.86 -12.84 -8.09
CA ILE C 10 -10.07 -11.66 -7.73
C ILE C 10 -8.78 -12.07 -7.03
N PRO C 11 -7.67 -11.36 -7.30
CA PRO C 11 -6.44 -11.77 -6.61
C PRO C 11 -6.66 -11.54 -5.11
N ASP C 12 -5.92 -12.24 -4.27
CA ASP C 12 -6.13 -12.08 -2.83
C ASP C 12 -5.60 -10.76 -2.29
N TYR C 13 -4.36 -10.45 -2.60
CA TYR C 13 -3.76 -9.21 -2.13
C TYR C 13 -4.60 -7.98 -2.40
N LEU C 14 -5.68 -8.11 -3.16
CA LEU C 14 -6.53 -6.98 -3.44
C LEU C 14 -7.77 -7.00 -2.58
N CYS C 15 -7.79 -7.92 -1.60
CA CYS C 15 -8.94 -8.05 -0.71
C CYS C 15 -8.63 -7.85 0.77
N GLY C 16 -9.66 -7.56 1.55
CA GLY C 16 -9.49 -7.33 2.97
C GLY C 16 -9.15 -8.54 3.83
N LYS C 17 -8.25 -8.35 4.78
CA LYS C 17 -7.85 -9.42 5.68
C LYS C 17 -9.03 -9.83 6.57
N ILE C 18 -10.04 -8.96 6.57
CA ILE C 18 -11.24 -9.19 7.36
C ILE C 18 -12.46 -9.44 6.47
N SER C 19 -12.78 -8.47 5.62
CA SER C 19 -13.93 -8.55 4.72
C SER C 19 -13.82 -9.66 3.67
N PHE C 20 -12.59 -9.93 3.21
CA PHE C 20 -12.35 -10.93 2.19
C PHE C 20 -12.92 -10.46 0.85
N GLU C 21 -13.67 -9.36 0.89
CA GLU C 21 -14.25 -8.77 -0.31
C GLU C 21 -13.19 -7.81 -0.84
N LEU C 22 -13.32 -7.38 -2.10
CA LEU C 22 -12.36 -6.46 -2.69
C LEU C 22 -12.30 -5.20 -1.82
N MET C 23 -11.14 -4.57 -1.77
CA MET C 23 -10.99 -3.38 -0.93
C MET C 23 -11.44 -2.05 -1.52
N ALA C 24 -12.39 -1.41 -0.83
CA ALA C 24 -12.92 -0.12 -1.25
C ALA C 24 -11.97 1.01 -0.79
N GLU C 25 -11.60 0.99 0.49
CA GLU C 25 -10.71 2.03 1.00
C GLU C 25 -9.48 1.44 1.72
N PRO C 26 -8.50 0.96 0.94
CA PRO C 26 -7.29 0.37 1.50
C PRO C 26 -6.35 1.30 2.25
N CYS C 27 -6.19 1.03 3.55
CA CYS C 27 -5.29 1.77 4.40
C CYS C 27 -4.35 0.73 5.03
N ILE C 28 -3.13 1.14 5.32
CA ILE C 28 -2.12 0.25 5.85
C ILE C 28 -1.83 0.48 7.34
N THR C 29 -1.30 -0.55 8.00
CA THR C 29 -0.94 -0.42 9.40
C THR C 29 0.58 -0.40 9.45
N PRO C 30 1.15 0.07 10.58
CA PRO C 30 2.60 0.12 10.68
C PRO C 30 3.25 -1.27 10.58
N SER C 31 2.43 -2.30 10.40
CA SER C 31 2.93 -3.65 10.27
C SER C 31 3.05 -4.04 8.79
N GLY C 32 2.62 -3.13 7.91
CA GLY C 32 2.68 -3.40 6.48
C GLY C 32 1.40 -4.02 5.99
N ILE C 33 0.57 -4.46 6.94
CA ILE C 33 -0.69 -5.09 6.61
C ILE C 33 -1.76 -4.08 6.21
N THR C 34 -2.49 -4.41 5.14
CA THR C 34 -3.53 -3.53 4.59
C THR C 34 -4.96 -4.08 4.78
N TYR C 35 -5.83 -3.25 5.33
CA TYR C 35 -7.23 -3.62 5.57
C TYR C 35 -8.12 -2.59 4.89
N ASP C 36 -9.44 -2.79 4.96
CA ASP C 36 -10.36 -1.84 4.39
C ASP C 36 -10.80 -0.96 5.55
N ARG C 37 -10.48 0.32 5.49
CA ARG C 37 -10.79 1.27 6.54
C ARG C 37 -12.01 0.93 7.40
N LYS C 38 -13.13 0.68 6.74
CA LYS C 38 -14.38 0.33 7.42
C LYS C 38 -14.17 -0.82 8.41
N ASP C 39 -13.79 -1.98 7.87
CA ASP C 39 -13.56 -3.18 8.66
C ASP C 39 -12.56 -3.04 9.80
N ILE C 40 -11.34 -2.65 9.49
CA ILE C 40 -10.29 -2.48 10.50
C ILE C 40 -10.67 -1.48 11.59
N GLU C 41 -11.43 -0.46 11.22
CA GLU C 41 -11.85 0.56 12.18
C GLU C 41 -12.83 0.01 13.20
N GLU C 42 -13.73 -0.86 12.74
CA GLU C 42 -14.69 -1.45 13.64
C GLU C 42 -13.96 -2.46 14.52
N HIS C 43 -12.99 -3.17 13.95
CA HIS C 43 -12.22 -4.15 14.73
C HIS C 43 -11.51 -3.48 15.90
N LEU C 44 -10.91 -2.32 15.63
CA LEU C 44 -10.21 -1.59 16.67
C LEU C 44 -11.17 -1.15 17.75
N GLN C 45 -12.43 -0.98 17.38
CA GLN C 45 -13.44 -0.55 18.33
C GLN C 45 -14.08 -1.71 19.05
N ARG C 46 -14.51 -2.71 18.29
CA ARG C 46 -15.17 -3.87 18.87
C ARG C 46 -14.24 -4.96 19.41
N VAL C 47 -13.12 -5.21 18.74
CA VAL C 47 -12.22 -6.24 19.20
C VAL C 47 -11.14 -5.73 20.13
N GLY C 48 -10.31 -4.81 19.66
CA GLY C 48 -9.24 -4.30 20.50
C GLY C 48 -8.21 -3.47 19.75
N HIS C 49 -7.31 -2.84 20.50
CA HIS C 49 -6.29 -2.00 19.89
C HIS C 49 -5.04 -2.78 19.50
N PHE C 50 -5.20 -3.71 18.56
CA PHE C 50 -4.08 -4.48 18.07
C PHE C 50 -4.30 -4.87 16.62
N ASP C 51 -3.21 -5.04 15.90
CA ASP C 51 -3.26 -5.43 14.49
C ASP C 51 -3.85 -6.83 14.36
N PRO C 52 -5.04 -6.95 13.71
CA PRO C 52 -5.74 -8.21 13.51
C PRO C 52 -4.85 -9.40 13.10
N VAL C 53 -3.78 -9.12 12.38
CA VAL C 53 -2.89 -10.19 11.94
C VAL C 53 -1.67 -10.34 12.84
N THR C 54 -0.83 -9.32 12.90
CA THR C 54 0.37 -9.37 13.71
C THR C 54 0.08 -9.33 15.20
N ARG C 55 -1.04 -8.72 15.56
CA ARG C 55 -1.46 -8.58 16.95
C ARG C 55 -0.67 -7.53 17.70
N SER C 56 0.20 -6.80 17.01
CA SER C 56 0.96 -5.76 17.70
C SER C 56 0.01 -4.61 18.03
N PRO C 57 0.37 -3.76 19.01
CA PRO C 57 -0.51 -2.64 19.36
C PRO C 57 -0.85 -1.79 18.14
N LEU C 58 -2.09 -1.31 18.10
CA LEU C 58 -2.57 -0.51 16.98
C LEU C 58 -3.76 0.37 17.37
N THR C 59 -3.73 1.62 16.92
CA THR C 59 -4.83 2.54 17.17
C THR C 59 -5.31 3.12 15.84
N GLN C 60 -6.57 3.52 15.81
CA GLN C 60 -7.18 4.08 14.60
C GLN C 60 -6.35 5.19 13.95
N ASP C 61 -5.74 6.05 14.75
CA ASP C 61 -4.94 7.16 14.21
C ASP C 61 -3.64 6.72 13.54
N GLN C 62 -3.33 5.43 13.61
CA GLN C 62 -2.10 4.95 12.99
C GLN C 62 -2.32 4.45 11.55
N LEU C 63 -3.59 4.33 11.15
CA LEU C 63 -3.93 3.86 9.81
C LEU C 63 -3.55 4.87 8.73
N ILE C 64 -2.76 4.43 7.75
CA ILE C 64 -2.34 5.29 6.65
C ILE C 64 -3.04 4.86 5.36
N PRO C 65 -3.53 5.82 4.56
CA PRO C 65 -4.21 5.47 3.31
C PRO C 65 -3.25 4.82 2.32
N ASN C 66 -3.56 3.61 1.88
CA ASN C 66 -2.67 2.94 0.92
C ASN C 66 -3.08 3.34 -0.49
N LEU C 67 -2.82 4.60 -0.82
CA LEU C 67 -3.16 5.15 -2.12
C LEU C 67 -2.74 4.30 -3.31
N ALA C 68 -1.46 3.91 -3.35
CA ALA C 68 -0.97 3.10 -4.45
C ALA C 68 -1.94 1.95 -4.67
N MET C 69 -2.26 1.25 -3.58
CA MET C 69 -3.19 0.13 -3.65
C MET C 69 -4.58 0.56 -4.06
N LYS C 70 -4.96 1.80 -3.75
CA LYS C 70 -6.29 2.25 -4.11
C LYS C 70 -6.41 2.30 -5.62
N GLU C 71 -5.31 2.67 -6.28
CA GLU C 71 -5.36 2.73 -7.73
C GLU C 71 -5.04 1.40 -8.42
N VAL C 72 -4.43 0.47 -7.69
CA VAL C 72 -4.14 -0.84 -8.26
C VAL C 72 -5.49 -1.52 -8.38
N ILE C 73 -6.35 -1.27 -7.40
CA ILE C 73 -7.68 -1.82 -7.38
C ILE C 73 -8.47 -1.28 -8.56
N ASP C 74 -8.63 0.04 -8.63
CA ASP C 74 -9.37 0.64 -9.73
C ASP C 74 -8.88 0.04 -11.05
N ALA C 75 -7.56 -0.09 -11.15
CA ALA C 75 -6.91 -0.65 -12.33
C ALA C 75 -7.46 -2.03 -12.65
N PHE C 76 -7.79 -2.79 -11.61
CA PHE C 76 -8.33 -4.14 -11.79
C PHE C 76 -9.81 -4.01 -12.13
N ILE C 77 -10.51 -3.13 -11.43
CA ILE C 77 -11.93 -2.89 -11.67
C ILE C 77 -12.12 -2.37 -13.09
N GLN C 78 -11.03 -2.34 -13.85
CA GLN C 78 -11.07 -1.85 -15.22
C GLN C 78 -11.46 -2.97 -16.18
N GLU C 79 -10.57 -3.92 -16.41
CA GLU C 79 -10.83 -5.03 -17.32
C GLU C 79 -12.08 -5.84 -16.94
N ASN C 80 -12.58 -5.62 -15.73
CA ASN C 80 -13.74 -6.37 -15.27
C ASN C 80 -14.92 -5.47 -14.87
N GLU D 9 5.26 -2.12 -21.32
CA GLU D 9 4.34 -1.07 -20.77
C GLU D 9 4.02 -1.30 -19.30
N ILE D 10 4.81 -0.69 -18.42
CA ILE D 10 4.64 -0.79 -16.96
C ILE D 10 3.75 0.33 -16.41
N PRO D 11 2.71 -0.01 -15.65
CA PRO D 11 1.87 1.07 -15.11
C PRO D 11 2.69 1.98 -14.21
N ASP D 12 2.23 3.20 -13.98
CA ASP D 12 2.97 4.14 -13.16
C ASP D 12 2.97 3.79 -11.67
N TYR D 13 1.79 3.49 -11.16
CA TYR D 13 1.63 3.14 -9.77
C TYR D 13 2.46 1.95 -9.29
N LEU D 14 3.38 1.48 -10.12
CA LEU D 14 4.24 0.37 -9.75
C LEU D 14 5.67 0.84 -9.78
N CYS D 15 5.85 2.11 -10.14
CA CYS D 15 7.17 2.73 -10.20
C CYS D 15 7.36 3.71 -9.07
N GLY D 16 8.62 3.86 -8.66
CA GLY D 16 8.95 4.77 -7.57
C GLY D 16 8.85 6.23 -7.97
N LYS D 17 8.20 7.04 -7.13
CA LYS D 17 8.03 8.46 -7.40
C LYS D 17 9.36 9.16 -7.58
N ILE D 18 10.45 8.44 -7.32
CA ILE D 18 11.78 9.01 -7.46
C ILE D 18 12.54 8.29 -8.58
N SER D 19 12.68 6.98 -8.45
CA SER D 19 13.39 6.17 -9.44
C SER D 19 12.71 6.18 -10.82
N PHE D 20 11.38 6.22 -10.82
CA PHE D 20 10.61 6.21 -12.06
C PHE D 20 10.60 4.81 -12.65
N GLU D 21 11.34 3.92 -12.00
CA GLU D 21 11.43 2.54 -12.45
C GLU D 21 10.53 1.68 -11.55
N LEU D 22 10.31 0.44 -11.97
CA LEU D 22 9.51 -0.49 -11.20
C LEU D 22 10.11 -0.48 -9.80
N MET D 23 9.29 -0.78 -8.80
CA MET D 23 9.78 -0.77 -7.41
C MET D 23 10.21 -2.13 -6.88
N ALA D 24 11.44 -2.18 -6.39
CA ALA D 24 11.99 -3.41 -5.83
C ALA D 24 11.52 -3.55 -4.39
N GLU D 25 11.71 -2.49 -3.59
CA GLU D 25 11.32 -2.50 -2.18
C GLU D 25 10.32 -1.38 -1.88
N PRO D 26 9.04 -1.59 -2.21
CA PRO D 26 8.01 -0.58 -1.96
C PRO D 26 7.69 -0.36 -0.49
N CYS D 27 7.58 0.90 -0.12
CA CYS D 27 7.24 1.26 1.24
C CYS D 27 6.55 2.62 1.18
N ILE D 28 5.52 2.77 2.00
CA ILE D 28 4.69 3.96 2.04
C ILE D 28 5.03 4.89 3.21
N THR D 29 4.82 6.19 3.02
CA THR D 29 5.07 7.18 4.06
C THR D 29 3.75 7.53 4.72
N PRO D 30 3.81 8.21 5.88
CA PRO D 30 2.59 8.60 6.58
C PRO D 30 1.66 9.42 5.69
N SER D 31 2.22 10.17 4.74
CA SER D 31 1.40 10.96 3.84
C SER D 31 0.65 10.01 2.89
N GLY D 32 0.96 8.72 3.00
CA GLY D 32 0.31 7.72 2.18
C GLY D 32 0.88 7.59 0.78
N ILE D 33 2.18 7.76 0.64
CA ILE D 33 2.83 7.69 -0.68
C ILE D 33 3.90 6.61 -0.73
N THR D 34 3.91 5.80 -1.79
CA THR D 34 4.91 4.72 -1.89
C THR D 34 6.15 5.08 -2.70
N TYR D 35 7.31 4.71 -2.17
CA TYR D 35 8.60 4.95 -2.81
C TYR D 35 9.36 3.63 -2.80
N ASP D 36 10.56 3.61 -3.35
CA ASP D 36 11.35 2.39 -3.32
C ASP D 36 12.31 2.73 -2.20
N ARG D 37 12.32 1.92 -1.14
CA ARG D 37 13.16 2.19 0.02
C ARG D 37 14.52 2.80 -0.29
N LYS D 38 15.28 2.17 -1.19
CA LYS D 38 16.61 2.69 -1.52
C LYS D 38 16.62 4.14 -2.00
N ASP D 39 15.64 4.52 -2.82
CA ASP D 39 15.56 5.87 -3.35
C ASP D 39 15.01 6.88 -2.35
N ILE D 40 13.93 6.51 -1.67
CA ILE D 40 13.34 7.41 -0.68
C ILE D 40 14.33 7.67 0.45
N GLU D 41 15.15 6.67 0.77
CA GLU D 41 16.13 6.84 1.82
C GLU D 41 17.30 7.71 1.35
N GLU D 42 17.72 7.56 0.08
CA GLU D 42 18.81 8.38 -0.45
C GLU D 42 18.38 9.84 -0.33
N HIS D 43 17.09 10.08 -0.57
CA HIS D 43 16.51 11.41 -0.51
C HIS D 43 16.50 11.97 0.90
N LEU D 44 16.02 11.17 1.84
CA LEU D 44 15.95 11.59 3.23
C LEU D 44 17.35 11.88 3.79
N GLN D 45 18.35 11.19 3.26
CA GLN D 45 19.71 11.35 3.74
C GLN D 45 20.58 12.35 2.97
N ARG D 46 20.13 12.79 1.80
CA ARG D 46 20.90 13.74 1.01
C ARG D 46 20.16 15.03 0.69
N VAL D 47 18.84 14.95 0.59
CA VAL D 47 18.03 16.12 0.27
C VAL D 47 17.47 16.77 1.53
N GLY D 48 16.56 16.07 2.19
CA GLY D 48 15.95 16.59 3.38
C GLY D 48 15.00 15.60 4.01
N HIS D 49 14.54 15.90 5.22
CA HIS D 49 13.64 15.00 5.91
C HIS D 49 12.19 15.41 5.68
N PHE D 50 11.75 15.28 4.45
CA PHE D 50 10.37 15.59 4.13
C PHE D 50 9.88 14.67 3.02
N ASP D 51 8.57 14.64 2.83
CA ASP D 51 7.96 13.79 1.80
C ASP D 51 8.18 14.49 0.48
N PRO D 52 8.94 13.88 -0.43
CA PRO D 52 9.22 14.46 -1.74
C PRO D 52 7.99 14.96 -2.48
N VAL D 53 6.82 14.44 -2.13
CA VAL D 53 5.58 14.82 -2.78
C VAL D 53 4.69 15.79 -1.98
N THR D 54 4.56 15.55 -0.69
CA THR D 54 3.72 16.39 0.15
C THR D 54 4.55 17.37 0.96
N ARG D 55 5.84 17.08 1.06
CA ARG D 55 6.76 17.92 1.81
C ARG D 55 6.52 17.90 3.31
N SER D 56 5.61 17.05 3.78
CA SER D 56 5.37 16.94 5.21
C SER D 56 6.69 16.45 5.78
N PRO D 57 6.87 16.57 7.10
CA PRO D 57 8.15 16.08 7.64
C PRO D 57 8.22 14.55 7.56
N LEU D 58 9.40 14.02 7.24
CA LEU D 58 9.56 12.58 7.11
C LEU D 58 10.95 12.09 7.50
N THR D 59 11.00 10.86 8.02
CA THR D 59 12.28 10.28 8.42
C THR D 59 12.25 8.78 8.20
N GLN D 60 13.41 8.20 7.94
CA GLN D 60 13.56 6.77 7.68
C GLN D 60 12.65 5.88 8.54
N ASP D 61 12.66 6.11 9.84
CA ASP D 61 11.87 5.31 10.77
C ASP D 61 10.36 5.36 10.52
N GLN D 62 9.90 6.37 9.79
CA GLN D 62 8.48 6.51 9.50
C GLN D 62 8.01 5.73 8.28
N LEU D 63 8.91 4.97 7.67
CA LEU D 63 8.58 4.22 6.46
C LEU D 63 8.05 2.82 6.73
N ILE D 64 6.80 2.58 6.35
CA ILE D 64 6.18 1.28 6.53
C ILE D 64 6.33 0.49 5.23
N PRO D 65 6.70 -0.79 5.32
CA PRO D 65 6.86 -1.64 4.14
C PRO D 65 5.52 -1.92 3.48
N ASN D 66 5.30 -1.36 2.29
CA ASN D 66 4.03 -1.58 1.61
C ASN D 66 3.94 -3.00 1.05
N LEU D 67 3.72 -3.95 1.95
CA LEU D 67 3.62 -5.36 1.61
C LEU D 67 2.63 -5.67 0.49
N ALA D 68 1.43 -5.13 0.58
CA ALA D 68 0.43 -5.37 -0.47
C ALA D 68 1.06 -5.11 -1.83
N MET D 69 1.50 -3.89 -2.05
CA MET D 69 2.14 -3.52 -3.30
C MET D 69 3.25 -4.47 -3.67
N LYS D 70 4.06 -4.87 -2.70
CA LYS D 70 5.16 -5.79 -2.95
C LYS D 70 4.64 -7.03 -3.66
N GLU D 71 3.49 -7.53 -3.25
CA GLU D 71 2.90 -8.70 -3.91
C GLU D 71 2.49 -8.25 -5.31
N VAL D 72 1.61 -7.27 -5.37
CA VAL D 72 1.11 -6.72 -6.63
C VAL D 72 2.21 -6.62 -7.68
N ILE D 73 3.40 -6.25 -7.25
CA ILE D 73 4.55 -6.14 -8.14
C ILE D 73 4.99 -7.53 -8.57
N ASP D 74 5.17 -8.45 -7.62
CA ASP D 74 5.57 -9.81 -7.95
C ASP D 74 4.63 -10.37 -9.02
N ALA D 75 3.33 -10.16 -8.81
CA ALA D 75 2.31 -10.61 -9.75
C ALA D 75 2.67 -10.13 -11.15
N PHE D 76 2.77 -8.81 -11.28
CA PHE D 76 3.11 -8.20 -12.56
C PHE D 76 4.39 -8.79 -13.15
N ILE D 77 5.41 -8.98 -12.31
CA ILE D 77 6.66 -9.53 -12.79
C ILE D 77 6.50 -10.93 -13.39
N GLN D 78 5.56 -11.71 -12.86
CA GLN D 78 5.31 -13.05 -13.38
C GLN D 78 4.93 -12.98 -14.85
N GLU D 79 3.84 -12.28 -15.14
CA GLU D 79 3.38 -12.13 -16.51
C GLU D 79 4.06 -10.97 -17.23
N ASN D 80 5.37 -11.13 -17.47
CA ASN D 80 6.20 -10.14 -18.15
C ASN D 80 7.69 -10.55 -18.14
CL CL E . -10.23 -5.82 5.73
CL CL F . 0.99 5.16 -1.86
CL CL G . 11.18 5.88 -5.70
#